data_6WN2
#
_entry.id   6WN2
#
_cell.length_a   38.093
_cell.length_b   93.904
_cell.length_c   99.900
_cell.angle_alpha   90.000
_cell.angle_beta   92.630
_cell.angle_gamma   90.000
#
_symmetry.space_group_name_H-M   'P 1 21 1'
#
loop_
_entity.id
_entity.type
_entity.pdbx_description
1 polymer 'Tyrosine--tRNA ligase'
2 non-polymer O-SULFO-L-TYROSINE
3 non-polymer 'TETRAETHYLENE GLYCOL'
4 non-polymer 'SODIUM ION'
5 non-polymer 'SULFATE ION'
6 water water
#
_entity_poly.entity_id   1
_entity_poly.type   'polypeptide(L)'
_entity_poly.pdbx_seq_one_letter_code
;MASSNLIKQLQERGLVAQVTDEEALAERLAQGPIALYCGFDPTADSLHLGHLVPLLCLKRFQQAGHKPVAVVGGATGLIG
DPSFKAAERKLNTEETVQEWVDKIRKQVAPFLDFDCGENSAIAANNYDFFGNMNVLTFLRDIGKHFSVNQMINKEAVKQR
LNREDQGISFTEFSYNLLQGYGFACLNKQYGVVLQIGGSDQWGNITSGIDLTRRLHQNQVFGLTVPLITKADGTKFGKTE
GGAVWLDPKKTSPYKFYQFWINTADADVYRFLKFFTFMSIEEINALEEEDKNSGKAPRAQYVLAEQVTRLVHGEEGLQAA
KR
;
_entity_poly.pdbx_strand_id   A,B
#
# COMPACT_ATOMS: atom_id res chain seq x y z
N ASN A 5 29.95 -12.35 23.22
CA ASN A 5 29.76 -13.54 24.10
CA ASN A 5 29.76 -13.54 24.10
CA ASN A 5 29.76 -13.52 24.12
C ASN A 5 28.29 -13.64 24.53
N LEU A 6 27.55 -12.52 24.54
CA LEU A 6 26.09 -12.61 24.88
C LEU A 6 25.45 -13.51 23.82
N ILE A 7 25.70 -13.23 22.54
CA ILE A 7 25.08 -14.02 21.43
C ILE A 7 25.45 -15.50 21.60
N LYS A 8 26.72 -15.76 21.93
CA LYS A 8 27.27 -17.11 22.19
C LYS A 8 26.47 -17.77 23.31
N GLN A 9 26.23 -17.07 24.43
CA GLN A 9 25.53 -17.66 25.59
C GLN A 9 24.05 -17.90 25.25
N LEU A 10 23.44 -17.01 24.47
CA LEU A 10 22.05 -17.23 23.99
C LEU A 10 22.02 -18.50 23.11
N GLN A 11 22.98 -18.66 22.20
CA GLN A 11 23.10 -19.86 21.33
C GLN A 11 23.21 -21.14 22.19
N GLU A 12 23.95 -21.12 23.29
CA GLU A 12 24.08 -22.27 24.22
C GLU A 12 22.71 -22.71 24.74
N ARG A 13 21.78 -21.76 24.89
CA ARG A 13 20.44 -22.04 25.46
C ARG A 13 19.43 -22.35 24.35
N GLY A 14 19.86 -22.28 23.08
CA GLY A 14 19.00 -22.52 21.92
C GLY A 14 18.10 -21.34 21.58
N LEU A 15 18.49 -20.13 21.99
CA LEU A 15 17.59 -18.95 21.94
C LEU A 15 17.90 -18.08 20.73
N VAL A 16 18.83 -18.48 19.86
CA VAL A 16 19.16 -17.66 18.65
C VAL A 16 18.81 -18.47 17.40
N ALA A 17 17.86 -18.00 16.60
CA ALA A 17 17.51 -18.63 15.30
C ALA A 17 18.40 -18.06 14.19
N GLN A 18 18.41 -16.73 14.00
CA GLN A 18 19.16 -16.06 12.91
C GLN A 18 19.70 -14.73 13.41
N VAL A 19 20.89 -14.32 12.95
CA VAL A 19 21.38 -12.94 13.19
C VAL A 19 21.71 -12.33 11.83
N THR A 20 21.38 -11.06 11.64
CA THR A 20 21.54 -10.39 10.32
C THR A 20 23.02 -10.16 10.02
N ASP A 21 23.84 -9.84 11.02
CA ASP A 21 25.30 -9.64 10.84
C ASP A 21 26.01 -9.93 12.16
N GLU A 22 26.23 -11.21 12.47
CA GLU A 22 26.62 -11.65 13.83
C GLU A 22 27.91 -10.93 14.23
N GLU A 23 28.86 -10.78 13.30
CA GLU A 23 30.20 -10.22 13.61
C GLU A 23 30.05 -8.75 14.00
N ALA A 24 29.32 -7.97 13.21
CA ALA A 24 29.15 -6.52 13.45
C ALA A 24 28.30 -6.33 14.71
N LEU A 25 27.29 -7.18 14.95
CA LEU A 25 26.44 -7.07 16.17
C LEU A 25 27.29 -7.45 17.40
N ALA A 26 28.01 -8.57 17.37
CA ALA A 26 28.82 -9.03 18.53
C ALA A 26 29.82 -7.93 18.88
N GLU A 27 30.37 -7.25 17.87
CA GLU A 27 31.31 -6.13 18.09
C GLU A 27 30.60 -5.00 18.85
N ARG A 28 29.38 -4.63 18.45
CA ARG A 28 28.64 -3.49 19.05
C ARG A 28 28.32 -3.83 20.52
N LEU A 29 27.87 -5.07 20.75
CA LEU A 29 27.51 -5.55 22.12
C LEU A 29 28.72 -5.53 23.05
N ALA A 30 29.92 -5.74 22.52
CA ALA A 30 31.18 -5.82 23.32
C ALA A 30 31.65 -4.42 23.72
N GLN A 31 31.28 -3.40 22.96
CA GLN A 31 31.71 -2.00 23.16
C GLN A 31 31.06 -1.41 24.40
N GLY A 32 29.82 -1.80 24.67
CA GLY A 32 29.03 -1.08 25.67
C GLY A 32 27.54 -1.38 25.49
N PRO A 33 26.72 -0.90 26.43
CA PRO A 33 25.28 -1.06 26.35
C PRO A 33 24.71 -0.53 25.02
N ILE A 34 23.76 -1.25 24.47
CA ILE A 34 22.99 -0.78 23.28
C ILE A 34 21.54 -0.65 23.72
N ALA A 35 20.74 0.06 22.93
CA ALA A 35 19.28 -0.02 23.03
C ALA A 35 18.77 -1.01 21.97
N LEU A 36 17.87 -1.88 22.38
CA LEU A 36 17.24 -2.90 21.49
C LEU A 36 15.73 -2.83 21.73
N TYR A 37 15.00 -3.52 20.87
CA TYR A 37 13.54 -3.60 21.04
C TYR A 37 12.95 -4.88 20.47
N CYS A 38 11.73 -5.10 20.91
CA CYS A 38 10.84 -6.17 20.43
C CYS A 38 9.43 -5.60 20.46
N GLY A 39 8.67 -5.85 19.42
CA GLY A 39 7.27 -5.43 19.28
C GLY A 39 6.27 -6.49 19.71
N PHE A 40 5.15 -6.08 20.30
CA PHE A 40 4.00 -6.95 20.63
C PHE A 40 2.72 -6.30 20.11
N ASP A 41 1.95 -7.01 19.27
CA ASP A 41 0.71 -6.46 18.67
C ASP A 41 -0.50 -6.79 19.55
N PRO A 42 -1.44 -5.83 19.74
CA PRO A 42 -2.71 -6.13 20.40
C PRO A 42 -3.68 -6.86 19.46
N THR A 43 -3.40 -8.14 19.23
CA THR A 43 -4.24 -9.10 18.46
C THR A 43 -5.32 -9.66 19.39
N ALA A 44 -5.13 -9.50 20.70
CA ALA A 44 -6.06 -9.95 21.76
C ALA A 44 -5.82 -9.10 23.01
N ASP A 45 -6.63 -9.30 24.05
CA ASP A 45 -6.54 -8.54 25.32
C ASP A 45 -5.41 -9.11 26.20
N SER A 46 -4.61 -10.06 25.69
CA SER A 46 -3.50 -10.75 26.41
C SER A 46 -2.45 -11.22 25.42
N LEU A 47 -1.17 -11.25 25.83
CA LEU A 47 -0.13 -12.07 25.19
C LEU A 47 -0.34 -13.53 25.55
N HIS A 48 0.31 -14.41 24.81
CA HIS A 48 0.30 -15.89 25.01
C HIS A 48 1.73 -16.42 24.94
N LEU A 49 1.88 -17.75 25.05
CA LEU A 49 3.22 -18.41 25.15
C LEU A 49 4.07 -18.10 23.91
N GLY A 50 3.47 -17.74 22.77
CA GLY A 50 4.20 -17.40 21.54
C GLY A 50 5.02 -16.13 21.72
N HIS A 51 4.61 -15.28 22.65
CA HIS A 51 5.28 -14.01 23.01
C HIS A 51 6.35 -14.22 24.10
N LEU A 52 6.35 -15.34 24.83
CA LEU A 52 7.13 -15.42 26.10
C LEU A 52 8.64 -15.44 25.79
N VAL A 53 9.10 -16.18 24.76
CA VAL A 53 10.56 -16.29 24.51
C VAL A 53 11.11 -14.93 24.11
N PRO A 54 10.51 -14.20 23.14
CA PRO A 54 10.99 -12.85 22.82
C PRO A 54 11.03 -11.93 24.06
N LEU A 55 10.03 -12.03 24.93
CA LEU A 55 9.96 -11.18 26.16
C LEU A 55 11.10 -11.56 27.12
N LEU A 56 11.35 -12.85 27.30
CA LEU A 56 12.40 -13.30 28.24
C LEU A 56 13.77 -12.89 27.66
N CYS A 57 13.92 -12.89 26.33
CA CYS A 57 15.16 -12.45 25.65
C CYS A 57 15.38 -10.94 25.85
N LEU A 58 14.34 -10.13 25.72
CA LEU A 58 14.38 -8.72 26.14
C LEU A 58 14.90 -8.62 27.58
N LYS A 59 14.38 -9.45 28.49
CA LYS A 59 14.86 -9.48 29.90
C LYS A 59 16.35 -9.87 29.97
N ARG A 60 16.74 -10.96 29.30
CA ARG A 60 18.17 -11.41 29.25
C ARG A 60 19.08 -10.28 28.78
N PHE A 61 18.72 -9.53 27.72
CA PHE A 61 19.56 -8.42 27.24
C PHE A 61 19.72 -7.37 28.32
N GLN A 62 18.64 -7.04 29.02
CA GLN A 62 18.68 -6.00 30.08
C GLN A 62 19.60 -6.48 31.19
N GLN A 63 19.49 -7.75 31.58
CA GLN A 63 20.32 -8.35 32.66
C GLN A 63 21.80 -8.25 32.25
N ALA A 64 22.08 -8.33 30.94
CA ALA A 64 23.45 -8.24 30.38
C ALA A 64 23.90 -6.77 30.35
N GLY A 65 23.04 -5.81 30.69
CA GLY A 65 23.39 -4.38 30.84
C GLY A 65 22.91 -3.53 29.66
N HIS A 66 22.06 -4.05 28.80
CA HIS A 66 21.52 -3.30 27.62
C HIS A 66 20.16 -2.69 27.98
N LYS A 67 19.66 -1.78 27.13
CA LYS A 67 18.45 -0.96 27.42
C LYS A 67 17.30 -1.48 26.57
N PRO A 68 16.30 -2.20 27.12
CA PRO A 68 15.22 -2.77 26.30
C PRO A 68 14.07 -1.78 26.09
N VAL A 69 13.56 -1.74 24.85
CA VAL A 69 12.32 -0.98 24.52
C VAL A 69 11.24 -2.00 24.18
N ALA A 70 10.13 -2.02 24.93
CA ALA A 70 8.98 -2.88 24.65
C ALA A 70 7.97 -2.03 23.85
N VAL A 71 7.80 -2.33 22.56
CA VAL A 71 6.90 -1.57 21.66
C VAL A 71 5.54 -2.28 21.62
N VAL A 72 4.47 -1.58 22.00
CA VAL A 72 3.11 -2.17 21.87
C VAL A 72 2.53 -1.56 20.59
N GLY A 73 1.92 -2.39 19.75
CA GLY A 73 1.49 -2.00 18.39
C GLY A 73 0.13 -1.32 18.35
N GLY A 74 0.05 -0.11 18.89
CA GLY A 74 -1.12 0.80 18.78
C GLY A 74 -1.52 1.08 17.34
N ALA A 75 -0.56 1.19 16.41
CA ALA A 75 -0.82 1.42 14.97
C ALA A 75 -0.88 0.05 14.25
N THR A 76 0.09 -0.83 14.51
CA THR A 76 0.26 -2.07 13.72
C THR A 76 -0.90 -3.02 14.02
N GLY A 77 -1.43 -2.99 15.25
CA GLY A 77 -2.60 -3.80 15.67
C GLY A 77 -3.85 -3.38 14.93
N LEU A 78 -3.82 -2.24 14.24
CA LEU A 78 -4.97 -1.75 13.44
C LEU A 78 -4.88 -2.30 12.02
N ILE A 79 -3.77 -2.96 11.68
CA ILE A 79 -3.44 -3.35 10.28
C ILE A 79 -3.35 -4.86 10.21
N GLY A 80 -2.53 -5.47 11.07
CA GLY A 80 -2.45 -6.92 11.24
C GLY A 80 -1.29 -7.52 10.47
N ASP A 81 -0.43 -8.28 11.14
CA ASP A 81 0.78 -8.88 10.52
C ASP A 81 0.45 -10.21 9.84
N PRO A 82 0.65 -10.30 8.50
CA PRO A 82 0.33 -11.52 7.76
C PRO A 82 1.39 -12.62 7.82
N SER A 83 2.57 -12.32 8.40
CA SER A 83 3.82 -13.10 8.31
C SER A 83 3.56 -14.56 8.70
N PHE A 84 3.74 -15.45 7.72
CA PHE A 84 3.61 -16.92 7.83
C PHE A 84 2.19 -17.30 8.27
N LYS A 85 1.20 -16.44 8.03
CA LYS A 85 -0.23 -16.74 8.36
C LYS A 85 -0.93 -17.24 7.09
N ALA A 86 -1.75 -18.30 7.22
CA ALA A 86 -2.42 -18.95 6.06
C ALA A 86 -3.56 -18.05 5.57
N ALA A 87 -4.18 -17.30 6.48
CA ALA A 87 -5.46 -16.60 6.30
C ALA A 87 -5.38 -15.14 6.80
N GLU A 88 -5.98 -14.24 6.04
CA GLU A 88 -6.30 -12.85 6.43
C GLU A 88 -6.90 -12.85 7.83
N ARG A 89 -6.42 -11.95 8.70
CA ARG A 89 -6.93 -11.75 10.08
C ARG A 89 -8.15 -10.83 10.05
N LYS A 90 -9.02 -10.96 11.06
CA LYS A 90 -10.12 -10.00 11.37
C LYS A 90 -9.53 -8.66 11.80
N LEU A 91 -10.14 -7.55 11.40
CA LEU A 91 -9.78 -6.20 11.90
C LEU A 91 -10.42 -6.06 13.27
N ASN A 92 -9.82 -5.24 14.13
CA ASN A 92 -10.41 -4.80 15.41
C ASN A 92 -10.69 -3.32 15.29
N THR A 93 -11.66 -2.82 16.06
CA THR A 93 -12.00 -1.38 16.11
C THR A 93 -10.91 -0.68 16.87
N GLU A 94 -10.73 0.60 16.58
CA GLU A 94 -9.75 1.48 17.27
C GLU A 94 -10.02 1.46 18.77
N GLU A 95 -11.27 1.58 19.22
CA GLU A 95 -11.56 1.66 20.68
C GLU A 95 -11.17 0.33 21.35
N THR A 96 -11.29 -0.79 20.66
CA THR A 96 -10.92 -2.11 21.22
C THR A 96 -9.39 -2.21 21.29
N VAL A 97 -8.70 -1.80 20.23
CA VAL A 97 -7.22 -1.92 20.14
C VAL A 97 -6.63 -1.03 21.24
N GLN A 98 -7.18 0.17 21.43
CA GLN A 98 -6.75 1.10 22.51
C GLN A 98 -6.81 0.39 23.87
N GLU A 99 -7.93 -0.24 24.21
CA GLU A 99 -8.10 -1.02 25.46
C GLU A 99 -7.06 -2.14 25.54
N TRP A 100 -6.90 -2.90 24.45
CA TRP A 100 -6.00 -4.07 24.38
C TRP A 100 -4.53 -3.62 24.56
N VAL A 101 -4.14 -2.50 23.96
CA VAL A 101 -2.79 -1.90 24.17
C VAL A 101 -2.54 -1.76 25.68
N ASP A 102 -3.46 -1.13 26.42
CA ASP A 102 -3.24 -0.81 27.86
C ASP A 102 -3.07 -2.13 28.61
N LYS A 103 -3.79 -3.18 28.23
CA LYS A 103 -3.73 -4.50 28.90
C LYS A 103 -2.38 -5.17 28.62
N ILE A 104 -1.92 -5.13 27.37
CA ILE A 104 -0.63 -5.74 26.97
C ILE A 104 0.53 -4.97 27.63
N ARG A 105 0.50 -3.62 27.61
CA ARG A 105 1.51 -2.80 28.30
C ARG A 105 1.65 -3.27 29.76
N LYS A 106 0.53 -3.48 30.44
CA LYS A 106 0.52 -3.91 31.88
C LYS A 106 1.06 -5.35 32.00
N GLN A 107 0.85 -6.19 31.01
CA GLN A 107 1.34 -7.60 31.06
C GLN A 107 2.87 -7.67 30.88
N VAL A 108 3.40 -6.86 29.97
CA VAL A 108 4.84 -6.78 29.61
C VAL A 108 5.68 -6.20 30.76
N ALA A 109 5.16 -5.15 31.42
CA ALA A 109 5.86 -4.29 32.40
C ALA A 109 6.61 -5.11 33.44
N PRO A 110 5.96 -6.08 34.15
CA PRO A 110 6.62 -6.79 35.24
C PRO A 110 7.89 -7.54 34.82
N PHE A 111 8.05 -7.82 33.52
CA PHE A 111 9.17 -8.64 32.99
C PHE A 111 10.47 -7.83 32.87
N LEU A 112 10.37 -6.50 32.89
CA LEU A 112 11.50 -5.59 32.62
C LEU A 112 11.67 -4.65 33.81
N ASP A 113 12.85 -4.07 33.97
CA ASP A 113 13.16 -3.12 35.06
C ASP A 113 13.06 -1.69 34.52
N PHE A 114 12.07 -0.93 34.98
CA PHE A 114 11.85 0.48 34.57
C PHE A 114 12.58 1.40 35.55
N ASP A 115 13.36 0.82 36.48
CA ASP A 115 13.99 1.57 37.61
C ASP A 115 15.42 1.06 37.87
N CYS A 116 16.32 1.19 36.91
CA CYS A 116 17.76 0.84 37.07
C CYS A 116 18.62 1.84 36.27
N GLY A 117 18.23 3.11 36.29
CA GLY A 117 19.01 4.24 35.75
C GLY A 117 19.16 4.15 34.25
N GLU A 118 20.41 4.06 33.75
CA GLU A 118 20.78 4.25 32.33
C GLU A 118 20.01 3.26 31.45
N ASN A 119 19.97 1.99 31.86
CA ASN A 119 19.46 0.84 31.05
C ASN A 119 18.03 0.53 31.48
N SER A 120 17.34 1.51 32.09
CA SER A 120 15.90 1.40 32.43
C SER A 120 15.12 1.08 31.15
N ALA A 121 14.19 0.14 31.23
CA ALA A 121 13.26 -0.22 30.15
C ALA A 121 12.41 1.00 29.74
N ILE A 122 12.05 1.03 28.46
CA ILE A 122 11.08 2.00 27.89
C ILE A 122 9.90 1.23 27.30
N ALA A 123 8.69 1.65 27.62
CA ALA A 123 7.42 1.24 26.97
C ALA A 123 7.15 2.24 25.85
N ALA A 124 7.00 1.75 24.62
CA ALA A 124 6.70 2.63 23.49
C ALA A 124 5.45 2.09 22.80
N ASN A 125 4.82 2.94 22.02
CA ASN A 125 3.56 2.63 21.30
C ASN A 125 3.76 3.18 19.89
N ASN A 126 3.75 2.32 18.89
CA ASN A 126 4.08 2.76 17.50
C ASN A 126 2.95 3.65 16.96
N TYR A 127 1.85 3.84 17.68
CA TYR A 127 0.77 4.75 17.21
C TYR A 127 1.37 6.13 16.97
N ASP A 128 2.28 6.55 17.85
CA ASP A 128 2.97 7.88 17.84
C ASP A 128 3.70 8.11 16.52
N PHE A 129 4.10 7.05 15.82
CA PHE A 129 4.86 7.21 14.56
C PHE A 129 3.90 7.51 13.39
N PHE A 130 2.62 7.16 13.53
CA PHE A 130 1.67 7.20 12.38
C PHE A 130 0.44 8.07 12.70
N GLY A 131 0.25 8.46 13.96
CA GLY A 131 -0.95 9.17 14.43
C GLY A 131 -1.21 10.45 13.64
N ASN A 132 -0.17 11.16 13.23
CA ASN A 132 -0.28 12.48 12.56
C ASN A 132 0.21 12.38 11.11
N MET A 133 0.30 11.16 10.56
CA MET A 133 0.91 10.94 9.22
C MET A 133 -0.20 10.81 8.18
N ASN A 134 -0.24 11.77 7.27
CA ASN A 134 -1.18 11.75 6.13
C ASN A 134 -0.87 10.57 5.20
N VAL A 135 -1.86 10.01 4.51
CA VAL A 135 -1.65 8.87 3.56
C VAL A 135 -0.62 9.23 2.48
N LEU A 136 -0.69 10.41 1.87
CA LEU A 136 0.22 10.78 0.75
C LEU A 136 1.66 10.89 1.26
N THR A 137 1.86 11.40 2.49
CA THR A 137 3.18 11.45 3.16
C THR A 137 3.75 10.04 3.31
N PHE A 138 2.96 9.10 3.80
CA PHE A 138 3.40 7.69 3.94
C PHE A 138 3.79 7.14 2.57
N LEU A 139 2.90 7.26 1.58
CA LEU A 139 3.10 6.63 0.24
C LEU A 139 4.37 7.19 -0.40
N ARG A 140 4.66 8.46 -0.17
CA ARG A 140 5.78 9.18 -0.84
C ARG A 140 7.08 8.93 -0.07
N ASP A 141 7.13 9.38 1.18
CA ASP A 141 8.37 9.48 1.99
C ASP A 141 8.80 8.10 2.47
N ILE A 142 7.88 7.15 2.65
CA ILE A 142 8.24 5.77 3.03
C ILE A 142 8.11 4.84 1.83
N GLY A 143 6.96 4.86 1.14
CA GLY A 143 6.64 3.94 0.05
C GLY A 143 7.60 3.96 -1.13
N LYS A 144 8.21 5.10 -1.43
CA LYS A 144 9.16 5.23 -2.57
C LYS A 144 10.41 4.38 -2.31
N HIS A 145 10.64 3.91 -1.07
CA HIS A 145 11.87 3.16 -0.68
C HIS A 145 11.62 1.66 -0.83
N PHE A 146 10.39 1.26 -1.15
CA PHE A 146 9.96 -0.15 -1.17
C PHE A 146 9.68 -0.56 -2.61
N SER A 147 10.30 -1.67 -3.01
CA SER A 147 10.06 -2.31 -4.31
C SER A 147 8.97 -3.37 -4.14
N VAL A 148 7.89 -3.29 -4.92
CA VAL A 148 6.82 -4.32 -4.86
C VAL A 148 7.38 -5.67 -5.34
N ASN A 149 8.28 -5.67 -6.32
CA ASN A 149 9.03 -6.88 -6.78
C ASN A 149 9.69 -7.59 -5.59
N GLN A 150 10.39 -6.86 -4.70
CA GLN A 150 11.07 -7.47 -3.52
C GLN A 150 10.02 -7.89 -2.47
N MET A 151 8.97 -7.09 -2.27
CA MET A 151 7.91 -7.38 -1.27
C MET A 151 7.20 -8.70 -1.60
N ILE A 152 6.87 -9.00 -2.85
CA ILE A 152 6.03 -10.19 -3.15
C ILE A 152 6.88 -11.46 -3.07
N ASN A 153 8.20 -11.29 -2.90
CA ASN A 153 9.20 -12.39 -2.80
C ASN A 153 9.60 -12.61 -1.33
N LYS A 154 9.08 -11.85 -0.38
CA LYS A 154 9.34 -12.13 1.07
C LYS A 154 8.71 -13.47 1.46
N GLU A 155 9.49 -14.35 2.09
CA GLU A 155 9.00 -15.69 2.49
C GLU A 155 7.72 -15.56 3.30
N ALA A 156 7.60 -14.55 4.16
CA ALA A 156 6.48 -14.34 5.09
C ALA A 156 5.14 -14.22 4.34
N VAL A 157 5.11 -13.76 3.10
CA VAL A 157 3.83 -13.52 2.35
C VAL A 157 3.76 -14.25 1.01
N LYS A 158 4.86 -14.78 0.46
CA LYS A 158 4.87 -15.21 -0.96
C LYS A 158 3.80 -16.30 -1.20
N GLN A 159 3.47 -17.13 -0.21
CA GLN A 159 2.51 -18.25 -0.31
C GLN A 159 1.06 -17.76 -0.16
N ARG A 160 0.84 -16.51 0.27
CA ARG A 160 -0.48 -15.85 0.22
C ARG A 160 -0.73 -15.32 -1.20
N LEU A 161 0.25 -15.40 -2.10
CA LEU A 161 0.14 -14.76 -3.43
C LEU A 161 -0.03 -15.79 -4.56
N ASN A 162 -0.50 -17.00 -4.25
CA ASN A 162 -0.80 -18.07 -5.24
C ASN A 162 -2.22 -17.92 -5.79
N ARG A 163 -3.22 -17.84 -4.90
CA ARG A 163 -4.68 -17.89 -5.23
C ARG A 163 -5.47 -16.93 -4.34
N GLU A 164 -6.45 -16.20 -4.93
CA GLU A 164 -7.17 -15.05 -4.29
C GLU A 164 -8.03 -15.53 -3.11
N ASP A 165 -8.51 -16.78 -3.13
CA ASP A 165 -9.27 -17.40 -2.03
C ASP A 165 -8.33 -17.77 -0.87
N GLN A 166 -7.01 -17.62 -1.08
CA GLN A 166 -5.95 -17.79 -0.04
C GLN A 166 -5.09 -16.52 0.00
N GLY A 167 -5.67 -15.37 -0.36
CA GLY A 167 -4.94 -14.15 -0.75
C GLY A 167 -4.66 -13.20 0.41
N ILE A 168 -4.22 -12.01 0.05
CA ILE A 168 -3.79 -10.97 1.01
C ILE A 168 -4.31 -9.59 0.57
N SER A 169 -4.87 -8.87 1.52
CA SER A 169 -5.34 -7.48 1.38
C SER A 169 -4.15 -6.54 1.18
N PHE A 170 -4.38 -5.42 0.51
CA PHE A 170 -3.42 -4.29 0.51
C PHE A 170 -3.07 -3.93 1.97
N THR A 171 -4.07 -3.94 2.88
CA THR A 171 -3.90 -3.66 4.33
C THR A 171 -2.72 -4.51 4.87
N GLU A 172 -2.82 -5.83 4.79
CA GLU A 172 -1.79 -6.71 5.42
C GLU A 172 -0.49 -6.63 4.63
N PHE A 173 -0.58 -6.44 3.31
CA PHE A 173 0.62 -6.28 2.45
C PHE A 173 1.42 -5.06 2.91
N SER A 174 0.75 -4.04 3.44
CA SER A 174 1.39 -2.78 3.87
C SER A 174 2.13 -2.95 5.21
N TYR A 175 1.86 -4.03 5.95
CA TYR A 175 2.29 -4.15 7.38
C TYR A 175 3.81 -4.02 7.45
N ASN A 176 4.49 -4.70 6.54
CA ASN A 176 5.97 -4.74 6.44
C ASN A 176 6.56 -3.32 6.38
N LEU A 177 5.98 -2.37 5.63
CA LEU A 177 6.44 -0.95 5.62
C LEU A 177 6.26 -0.28 7.01
N LEU A 178 5.17 -0.53 7.73
CA LEU A 178 4.94 0.08 9.06
C LEU A 178 6.03 -0.40 10.04
N GLN A 179 6.28 -1.71 10.10
CA GLN A 179 7.32 -2.25 11.02
C GLN A 179 8.71 -1.79 10.55
N GLY A 180 8.96 -1.78 9.23
CA GLY A 180 10.19 -1.19 8.68
C GLY A 180 10.37 0.22 9.22
N TYR A 181 9.35 1.06 9.11
CA TYR A 181 9.41 2.47 9.54
C TYR A 181 9.51 2.58 11.06
N GLY A 182 8.90 1.66 11.80
CA GLY A 182 9.05 1.63 13.27
C GLY A 182 10.53 1.55 13.68
N PHE A 183 11.30 0.66 13.05
CA PHE A 183 12.74 0.47 13.39
C PHE A 183 13.44 1.83 13.19
N ALA A 184 13.18 2.49 12.06
CA ALA A 184 13.81 3.78 11.70
C ALA A 184 13.51 4.82 12.76
N CYS A 185 12.24 4.95 13.17
CA CYS A 185 11.78 5.90 14.22
C CYS A 185 12.51 5.63 15.53
N LEU A 186 12.56 4.36 15.95
CA LEU A 186 13.14 3.96 17.27
C LEU A 186 14.65 4.21 17.25
N ASN A 187 15.28 4.01 16.07
CA ASN A 187 16.70 4.33 15.85
C ASN A 187 16.91 5.82 16.08
N LYS A 188 16.10 6.66 15.45
CA LYS A 188 16.31 8.12 15.51
C LYS A 188 15.92 8.64 16.90
N GLN A 189 14.85 8.13 17.51
CA GLN A 189 14.29 8.67 18.78
C GLN A 189 15.06 8.14 20.01
N TYR A 190 15.54 6.88 19.99
CA TYR A 190 16.08 6.21 21.19
C TYR A 190 17.47 5.60 20.96
N GLY A 191 18.05 5.72 19.76
CA GLY A 191 19.37 5.13 19.45
C GLY A 191 19.32 3.60 19.35
N VAL A 192 18.12 3.03 19.26
CA VAL A 192 17.95 1.55 19.10
C VAL A 192 18.74 1.07 17.88
N VAL A 193 19.55 0.03 18.03
CA VAL A 193 20.38 -0.56 16.93
C VAL A 193 20.07 -2.04 16.72
N LEU A 194 19.21 -2.63 17.55
CA LEU A 194 18.86 -4.05 17.50
C LEU A 194 17.34 -4.23 17.65
N GLN A 195 16.76 -5.02 16.77
CA GLN A 195 15.37 -5.52 16.93
C GLN A 195 15.46 -7.03 17.07
N ILE A 196 14.81 -7.57 18.10
CA ILE A 196 14.67 -9.02 18.23
C ILE A 196 13.19 -9.35 18.02
N GLY A 197 12.93 -10.60 17.67
CA GLY A 197 11.56 -11.13 17.47
C GLY A 197 11.60 -12.62 17.19
N GLY A 198 10.43 -13.27 17.10
CA GLY A 198 10.33 -14.64 16.59
C GLY A 198 10.89 -14.75 15.18
N SER A 199 11.31 -15.94 14.78
CA SER A 199 11.87 -16.22 13.43
C SER A 199 10.88 -15.77 12.34
N ASP A 200 9.56 -15.73 12.62
CA ASP A 200 8.53 -15.27 11.64
C ASP A 200 8.75 -13.79 11.26
N GLN A 201 9.43 -13.01 12.11
CA GLN A 201 9.63 -11.55 11.94
C GLN A 201 10.86 -11.20 11.10
N TRP A 202 11.62 -12.18 10.61
CA TRP A 202 12.93 -11.92 9.94
C TRP A 202 12.73 -10.86 8.85
N GLY A 203 11.78 -11.08 7.95
CA GLY A 203 11.55 -10.18 6.80
C GLY A 203 11.07 -8.82 7.24
N ASN A 204 10.24 -8.74 8.29
CA ASN A 204 9.81 -7.44 8.84
C ASN A 204 11.03 -6.71 9.42
N ILE A 205 11.93 -7.44 10.06
CA ILE A 205 13.12 -6.85 10.72
C ILE A 205 14.08 -6.32 9.66
N THR A 206 14.36 -7.12 8.63
CA THR A 206 15.31 -6.74 7.55
C THR A 206 14.76 -5.54 6.75
N SER A 207 13.45 -5.37 6.61
CA SER A 207 12.90 -4.17 5.92
C SER A 207 13.22 -2.93 6.76
N GLY A 208 13.25 -3.04 8.09
CA GLY A 208 13.56 -1.92 9.00
C GLY A 208 15.05 -1.59 9.00
N ILE A 209 15.89 -2.62 8.90
CA ILE A 209 17.39 -2.48 8.76
C ILE A 209 17.67 -1.68 7.46
N ASP A 210 17.12 -2.15 6.35
CA ASP A 210 17.26 -1.51 5.00
C ASP A 210 16.71 -0.09 5.03
N LEU A 211 15.52 0.13 5.61
CA LEU A 211 14.88 1.47 5.62
C LEU A 211 15.70 2.41 6.50
N THR A 212 16.16 1.93 7.63
CA THR A 212 17.01 2.74 8.53
C THR A 212 18.28 3.20 7.80
N ARG A 213 18.90 2.35 6.98
CA ARG A 213 20.13 2.69 6.24
C ARG A 213 19.78 3.76 5.21
N ARG A 214 18.63 3.61 4.55
CA ARG A 214 18.16 4.55 3.50
C ARG A 214 17.82 5.90 4.11
N LEU A 215 17.18 5.96 5.28
CA LEU A 215 16.68 7.23 5.88
C LEU A 215 17.78 7.88 6.73
N HIS A 216 18.53 7.10 7.50
CA HIS A 216 19.39 7.66 8.58
C HIS A 216 20.88 7.36 8.28
N GLN A 217 21.15 6.51 7.29
CA GLN A 217 22.49 5.95 6.95
C GLN A 217 23.18 5.39 8.22
N ASN A 218 22.40 4.80 9.15
CA ASN A 218 22.90 4.06 10.34
C ASN A 218 22.77 2.55 10.06
N GLN A 219 23.81 1.76 10.40
CA GLN A 219 23.73 0.27 10.38
C GLN A 219 23.05 -0.20 11.68
N VAL A 220 21.96 -0.95 11.55
CA VAL A 220 21.27 -1.58 12.71
C VAL A 220 21.14 -3.07 12.42
N PHE A 221 20.68 -3.86 13.38
CA PHE A 221 20.79 -5.32 13.33
C PHE A 221 19.49 -5.97 13.76
N GLY A 222 19.36 -7.25 13.40
CA GLY A 222 18.25 -8.15 13.73
C GLY A 222 18.74 -9.45 14.30
N LEU A 223 18.03 -9.96 15.30
CA LEU A 223 18.26 -11.30 15.88
C LEU A 223 16.88 -11.90 16.12
N THR A 224 16.69 -13.09 15.57
CA THR A 224 15.46 -13.87 15.73
C THR A 224 15.70 -14.99 16.74
N VAL A 225 14.66 -15.27 17.49
CA VAL A 225 14.59 -16.37 18.48
C VAL A 225 13.73 -17.44 17.85
N PRO A 226 13.95 -18.73 18.18
CA PRO A 226 13.24 -19.82 17.51
C PRO A 226 11.74 -19.74 17.79
N LEU A 227 10.92 -20.15 16.84
CA LEU A 227 9.53 -20.56 17.16
C LEU A 227 9.66 -21.88 17.94
N ILE A 228 9.02 -21.96 19.11
CA ILE A 228 9.17 -23.16 19.99
C ILE A 228 8.31 -24.27 19.39
N THR A 229 8.93 -25.43 19.16
CA THR A 229 8.29 -26.63 18.59
C THR A 229 8.32 -27.73 19.65
N LYS A 230 7.52 -28.77 19.46
CA LYS A 230 7.60 -30.02 20.25
C LYS A 230 8.37 -31.03 19.41
N ALA A 231 9.21 -31.84 20.05
CA ALA A 231 9.96 -32.95 19.43
C ALA A 231 8.99 -33.86 18.67
N ASP A 232 7.72 -33.89 19.09
CA ASP A 232 6.64 -34.73 18.50
C ASP A 232 6.06 -34.04 17.27
N GLY A 233 6.54 -32.82 16.93
CA GLY A 233 6.18 -32.09 15.70
C GLY A 233 4.88 -31.29 15.84
N THR A 234 4.10 -31.51 16.91
CA THR A 234 2.79 -30.84 17.12
C THR A 234 3.01 -29.37 17.53
N LYS A 235 1.92 -28.60 17.55
CA LYS A 235 1.88 -27.12 17.78
C LYS A 235 2.17 -26.86 19.27
N PHE A 236 3.23 -26.09 19.56
CA PHE A 236 3.60 -25.68 20.94
C PHE A 236 2.73 -24.50 21.40
N GLY A 237 2.28 -24.56 22.65
CA GLY A 237 1.54 -23.47 23.32
C GLY A 237 0.04 -23.56 23.04
N LYS A 238 -0.47 -24.79 22.85
CA LYS A 238 -1.93 -25.08 22.77
C LYS A 238 -2.29 -26.13 23.83
N THR A 239 -3.32 -25.81 24.60
CA THR A 239 -3.91 -26.75 25.58
C THR A 239 -5.37 -26.89 25.15
N GLU A 240 -5.80 -28.12 24.88
CA GLU A 240 -7.21 -28.38 24.51
C GLU A 240 -7.62 -27.51 23.30
N GLY A 241 -6.80 -27.45 22.27
CA GLY A 241 -7.14 -26.74 21.02
C GLY A 241 -7.22 -25.23 21.14
N GLY A 242 -6.76 -24.68 22.27
CA GLY A 242 -6.77 -23.22 22.48
C GLY A 242 -5.36 -22.71 22.72
N ALA A 243 -5.17 -21.38 22.85
CA ALA A 243 -3.86 -20.78 23.21
C ALA A 243 -3.66 -20.87 24.72
N VAL A 244 -2.40 -20.86 25.16
CA VAL A 244 -2.04 -20.65 26.58
C VAL A 244 -1.72 -19.17 26.78
N TRP A 245 -2.68 -18.46 27.36
CA TRP A 245 -2.64 -17.00 27.61
C TRP A 245 -1.80 -16.74 28.85
N LEU A 246 -1.18 -15.57 28.90
CA LEU A 246 -0.37 -15.15 30.07
C LEU A 246 -1.32 -14.52 31.08
N ASP A 247 -2.57 -14.26 30.67
CA ASP A 247 -3.61 -13.64 31.52
C ASP A 247 -4.28 -14.74 32.34
N PRO A 248 -4.24 -14.66 33.69
CA PRO A 248 -4.76 -15.74 34.53
C PRO A 248 -6.31 -15.85 34.51
N LYS A 249 -6.99 -14.81 34.02
CA LYS A 249 -8.47 -14.78 33.80
C LYS A 249 -8.85 -15.49 32.49
N LYS A 250 -7.87 -15.70 31.60
CA LYS A 250 -8.05 -16.38 30.29
C LYS A 250 -7.57 -17.83 30.39
N THR A 251 -6.37 -18.05 30.92
CA THR A 251 -5.81 -19.39 31.20
C THR A 251 -5.45 -19.42 32.68
N SER A 252 -6.17 -20.21 33.48
CA SER A 252 -5.99 -20.22 34.95
C SER A 252 -4.56 -20.65 35.29
N PRO A 253 -4.01 -20.17 36.42
CA PRO A 253 -2.71 -20.64 36.91
C PRO A 253 -2.63 -22.18 36.95
N TYR A 254 -3.71 -22.85 37.35
CA TYR A 254 -3.80 -24.33 37.39
C TYR A 254 -3.55 -24.90 35.98
N LYS A 255 -4.24 -24.38 34.97
CA LYS A 255 -4.14 -24.94 33.59
C LYS A 255 -2.72 -24.63 33.08
N PHE A 256 -2.24 -23.43 33.36
CA PHE A 256 -0.89 -22.99 32.95
C PHE A 256 0.14 -23.99 33.50
N TYR A 257 0.09 -24.21 34.81
CA TYR A 257 1.01 -25.13 35.53
C TYR A 257 0.91 -26.53 34.93
N GLN A 258 -0.31 -26.99 34.64
CA GLN A 258 -0.54 -28.38 34.14
C GLN A 258 0.01 -28.49 32.72
N PHE A 259 -0.04 -27.41 31.94
CA PHE A 259 0.60 -27.35 30.60
C PHE A 259 2.08 -27.72 30.72
N TRP A 260 2.79 -27.15 31.69
CA TRP A 260 4.23 -27.42 31.88
C TRP A 260 4.47 -28.84 32.45
N ILE A 261 3.67 -29.28 33.41
CA ILE A 261 3.77 -30.68 33.97
C ILE A 261 3.70 -31.71 32.83
N ASN A 262 2.84 -31.46 31.84
CA ASN A 262 2.53 -32.41 30.76
C ASN A 262 3.54 -32.25 29.61
N THR A 263 4.74 -31.73 29.89
CA THR A 263 5.80 -31.55 28.86
C THR A 263 6.45 -32.90 28.54
N ALA A 264 6.64 -33.20 27.25
CA ALA A 264 7.33 -34.43 26.78
C ALA A 264 8.76 -34.44 27.33
N ASP A 265 9.26 -35.60 27.76
CA ASP A 265 10.67 -35.75 28.20
C ASP A 265 11.63 -35.18 27.12
N ALA A 266 11.26 -35.24 25.84
CA ALA A 266 12.11 -34.74 24.72
C ALA A 266 12.07 -33.22 24.63
N ASP A 267 11.13 -32.56 25.33
CA ASP A 267 10.95 -31.08 25.28
C ASP A 267 11.45 -30.43 26.57
N VAL A 268 11.45 -31.13 27.72
CA VAL A 268 11.47 -30.48 29.07
C VAL A 268 12.82 -29.81 29.30
N TYR A 269 13.94 -30.47 28.98
CA TYR A 269 15.31 -29.98 29.30
C TYR A 269 15.62 -28.79 28.39
N ARG A 270 15.14 -28.83 27.15
CA ARG A 270 15.22 -27.71 26.18
C ARG A 270 14.38 -26.56 26.69
N PHE A 271 13.17 -26.83 27.22
CA PHE A 271 12.23 -25.79 27.72
C PHE A 271 12.81 -25.17 29.01
N LEU A 272 13.50 -25.93 29.84
CA LEU A 272 14.16 -25.36 31.04
C LEU A 272 15.17 -24.30 30.57
N LYS A 273 15.88 -24.56 29.48
CA LYS A 273 16.85 -23.61 28.87
C LYS A 273 16.14 -22.37 28.35
N PHE A 274 15.01 -22.51 27.67
CA PHE A 274 14.29 -21.37 27.05
C PHE A 274 13.63 -20.50 28.11
N PHE A 275 13.03 -21.08 29.16
CA PHE A 275 11.98 -20.41 29.96
C PHE A 275 12.42 -20.12 31.39
N THR A 276 13.58 -20.59 31.83
CA THR A 276 14.02 -20.38 33.24
C THR A 276 15.39 -19.72 33.27
N PHE A 277 15.80 -19.24 34.45
CA PHE A 277 17.11 -18.59 34.66
C PHE A 277 18.02 -19.51 35.49
N MET A 278 17.88 -20.82 35.32
CA MET A 278 18.82 -21.85 35.84
C MET A 278 20.04 -21.94 34.91
N SER A 279 21.23 -22.18 35.46
CA SER A 279 22.46 -22.43 34.67
C SER A 279 22.25 -23.68 33.81
N ILE A 280 22.89 -23.71 32.64
CA ILE A 280 22.99 -24.93 31.79
C ILE A 280 23.51 -26.08 32.65
N GLU A 281 24.57 -25.86 33.42
CA GLU A 281 25.19 -26.97 34.18
C GLU A 281 24.17 -27.53 35.18
N GLU A 282 23.32 -26.69 35.75
CA GLU A 282 22.29 -27.13 36.73
C GLU A 282 21.22 -27.94 36.00
N ILE A 283 20.83 -27.50 34.81
CA ILE A 283 19.82 -28.21 33.99
C ILE A 283 20.40 -29.55 33.53
N ASN A 284 21.68 -29.60 33.15
CA ASN A 284 22.39 -30.84 32.73
C ASN A 284 22.44 -31.83 33.91
N ALA A 285 22.68 -31.34 35.12
CA ALA A 285 22.79 -32.18 36.34
C ALA A 285 21.40 -32.70 36.69
N LEU A 286 20.37 -31.95 36.36
CA LEU A 286 18.97 -32.36 36.59
C LEU A 286 18.63 -33.43 35.54
N GLU A 287 19.13 -33.26 34.31
CA GLU A 287 18.92 -34.26 33.23
C GLU A 287 19.54 -35.59 33.69
N GLU A 288 20.77 -35.54 34.19
CA GLU A 288 21.51 -36.71 34.73
C GLU A 288 20.64 -37.40 35.79
N GLU A 289 20.18 -36.62 36.78
CA GLU A 289 19.33 -37.10 37.90
C GLU A 289 18.16 -37.93 37.35
N ASP A 290 17.39 -37.39 36.41
CA ASP A 290 16.17 -38.04 35.86
C ASP A 290 16.56 -39.28 35.04
N LYS A 291 17.77 -39.28 34.46
CA LYS A 291 18.29 -40.38 33.61
C LYS A 291 18.39 -41.65 34.47
N ASN A 292 19.06 -41.56 35.63
CA ASN A 292 19.63 -42.72 36.36
C ASN A 292 19.19 -42.66 37.82
N SER A 293 17.92 -42.28 38.05
CA SER A 293 17.27 -42.20 39.38
C SER A 293 16.40 -43.44 39.61
N GLY A 294 15.89 -44.02 38.51
CA GLY A 294 14.87 -45.08 38.52
C GLY A 294 13.48 -44.48 38.70
N LYS A 295 13.41 -43.35 39.40
CA LYS A 295 12.14 -42.68 39.79
C LYS A 295 11.57 -41.92 38.60
N ALA A 296 10.42 -41.27 38.77
CA ALA A 296 9.78 -40.40 37.77
C ALA A 296 10.66 -39.18 37.58
N PRO A 297 10.71 -38.54 36.39
CA PRO A 297 11.47 -37.30 36.22
C PRO A 297 10.98 -36.22 37.18
N ARG A 298 11.91 -35.42 37.71
CA ARG A 298 11.63 -34.17 38.47
C ARG A 298 11.59 -32.97 37.50
N ALA A 299 12.08 -33.08 36.26
CA ALA A 299 12.31 -31.91 35.38
C ALA A 299 10.99 -31.19 35.05
N GLN A 300 9.90 -31.90 34.73
CA GLN A 300 8.62 -31.25 34.36
C GLN A 300 8.13 -30.46 35.58
N TYR A 301 8.27 -31.02 36.77
CA TYR A 301 7.89 -30.34 38.04
C TYR A 301 8.68 -29.02 38.21
N VAL A 302 10.00 -29.07 38.06
CA VAL A 302 10.88 -27.86 38.20
C VAL A 302 10.43 -26.82 37.17
N LEU A 303 10.17 -27.25 35.95
CA LEU A 303 9.75 -26.32 34.85
C LEU A 303 8.42 -25.68 35.24
N ALA A 304 7.46 -26.46 35.70
CA ALA A 304 6.11 -25.95 36.04
C ALA A 304 6.22 -24.95 37.20
N GLU A 305 7.00 -25.30 38.23
CA GLU A 305 7.19 -24.44 39.43
C GLU A 305 7.84 -23.11 39.01
N GLN A 306 8.91 -23.19 38.22
CA GLN A 306 9.68 -21.98 37.89
C GLN A 306 8.86 -21.05 36.98
N VAL A 307 8.28 -21.59 35.92
CA VAL A 307 7.59 -20.75 34.90
C VAL A 307 6.29 -20.20 35.47
N THR A 308 5.56 -20.96 36.28
CA THR A 308 4.30 -20.47 36.89
C THR A 308 4.61 -19.28 37.82
N ARG A 309 5.68 -19.36 38.62
CA ARG A 309 6.01 -18.26 39.55
C ARG A 309 6.56 -17.06 38.77
N LEU A 310 7.32 -17.30 37.69
CA LEU A 310 7.84 -16.21 36.82
C LEU A 310 6.67 -15.40 36.25
N VAL A 311 5.66 -16.10 35.73
CA VAL A 311 4.55 -15.50 34.95
C VAL A 311 3.43 -15.05 35.90
N HIS A 312 3.09 -15.83 36.92
CA HIS A 312 1.89 -15.53 37.76
C HIS A 312 2.27 -15.15 39.19
N GLY A 313 3.56 -15.09 39.52
CA GLY A 313 4.03 -14.76 40.87
C GLY A 313 3.73 -15.86 41.88
N GLU A 314 4.10 -15.65 43.14
CA GLU A 314 3.85 -16.62 44.25
C GLU A 314 2.34 -16.89 44.38
N GLU A 315 1.51 -15.85 44.25
CA GLU A 315 0.04 -15.98 44.35
C GLU A 315 -0.44 -16.97 43.29
N GLY A 316 0.01 -16.82 42.04
CA GLY A 316 -0.29 -17.76 40.94
C GLY A 316 0.17 -19.17 41.23
N LEU A 317 1.36 -19.35 41.80
CA LEU A 317 1.92 -20.71 42.00
C LEU A 317 1.05 -21.40 43.04
N GLN A 318 0.58 -20.66 44.04
CA GLN A 318 -0.23 -21.23 45.15
C GLN A 318 -1.60 -21.63 44.59
N ALA A 319 -2.19 -20.83 43.70
CA ALA A 319 -3.50 -21.08 43.06
C ALA A 319 -3.43 -22.28 42.09
N ALA A 320 -2.25 -22.58 41.52
CA ALA A 320 -2.05 -23.68 40.56
C ALA A 320 -2.11 -25.04 41.28
N LYS A 321 -1.76 -25.04 42.56
CA LYS A 321 -1.63 -26.28 43.36
C LYS A 321 -2.87 -26.49 44.23
N ARG A 322 -3.93 -25.73 43.99
CA ARG A 322 -5.21 -25.84 44.74
C ARG A 322 -6.34 -26.15 43.75
N ASN B 5 -29.27 7.92 -29.26
CA ASN B 5 -28.41 7.02 -28.44
C ASN B 5 -26.97 7.56 -28.45
N LEU B 6 -26.55 8.20 -27.36
CA LEU B 6 -25.22 8.88 -27.31
C LEU B 6 -24.08 7.87 -27.52
N ILE B 7 -24.16 6.67 -26.94
CA ILE B 7 -23.05 5.69 -27.07
C ILE B 7 -22.91 5.35 -28.56
N LYS B 8 -24.03 5.12 -29.25
CA LYS B 8 -23.99 4.75 -30.69
C LYS B 8 -23.41 5.93 -31.49
N GLN B 9 -23.71 7.18 -31.13
CA GLN B 9 -23.18 8.36 -31.86
C GLN B 9 -21.67 8.44 -31.65
N LEU B 10 -21.19 8.17 -30.43
CA LEU B 10 -19.74 8.17 -30.14
C LEU B 10 -19.08 7.00 -30.87
N GLN B 11 -19.74 5.84 -30.92
CA GLN B 11 -19.20 4.65 -31.65
C GLN B 11 -19.00 4.95 -33.14
N GLU B 12 -19.89 5.73 -33.75
CA GLU B 12 -19.78 6.15 -35.17
C GLU B 12 -18.52 6.98 -35.39
N ARG B 13 -18.04 7.70 -34.37
CA ARG B 13 -16.81 8.53 -34.47
C ARG B 13 -15.56 7.71 -34.11
N GLY B 14 -15.75 6.44 -33.72
CA GLY B 14 -14.67 5.55 -33.24
C GLY B 14 -14.20 5.92 -31.83
N LEU B 15 -15.05 6.54 -31.01
CA LEU B 15 -14.57 7.15 -29.75
C LEU B 15 -14.81 6.23 -28.56
N VAL B 16 -15.32 5.03 -28.78
CA VAL B 16 -15.61 4.08 -27.67
C VAL B 16 -14.65 2.91 -27.83
N ALA B 17 -13.66 2.79 -26.96
CA ALA B 17 -12.75 1.64 -26.91
C ALA B 17 -13.45 0.49 -26.17
N GLN B 18 -13.94 0.73 -24.95
CA GLN B 18 -14.55 -0.31 -24.07
C GLN B 18 -15.60 0.36 -23.20
N VAL B 19 -16.67 -0.35 -22.87
CA VAL B 19 -17.68 0.09 -21.87
C VAL B 19 -17.87 -1.06 -20.87
N THR B 20 -18.05 -0.73 -19.59
CA THR B 20 -18.14 -1.77 -18.54
C THR B 20 -19.45 -2.55 -18.70
N ASP B 21 -20.53 -1.90 -19.10
CA ASP B 21 -21.86 -2.55 -19.27
C ASP B 21 -22.67 -1.69 -20.23
N GLU B 22 -22.43 -1.86 -21.52
CA GLU B 22 -22.92 -0.92 -22.57
C GLU B 22 -24.44 -0.85 -22.49
N GLU B 23 -25.16 -1.96 -22.35
CA GLU B 23 -26.65 -1.90 -22.38
C GLU B 23 -27.16 -1.15 -21.13
N ALA B 24 -26.64 -1.46 -19.95
CA ALA B 24 -27.07 -0.78 -18.71
C ALA B 24 -26.75 0.73 -18.79
N LEU B 25 -25.58 1.10 -19.29
CA LEU B 25 -25.20 2.54 -19.40
C LEU B 25 -26.09 3.25 -20.44
N ALA B 26 -26.37 2.63 -21.57
CA ALA B 26 -27.25 3.22 -22.61
C ALA B 26 -28.64 3.47 -22.02
N GLU B 27 -29.15 2.53 -21.22
CA GLU B 27 -30.47 2.67 -20.54
C GLU B 27 -30.40 3.83 -19.54
N ARG B 28 -29.31 3.92 -18.80
CA ARG B 28 -29.12 5.02 -17.81
C ARG B 28 -29.07 6.37 -18.55
N LEU B 29 -28.33 6.48 -19.64
CA LEU B 29 -28.23 7.77 -20.39
C LEU B 29 -29.61 8.13 -20.93
N ALA B 30 -30.37 7.12 -21.37
CA ALA B 30 -31.71 7.31 -21.98
C ALA B 30 -32.69 7.85 -20.95
N GLN B 31 -32.49 7.55 -19.66
CA GLN B 31 -33.38 7.97 -18.55
C GLN B 31 -33.34 9.49 -18.34
N GLY B 32 -32.30 10.16 -18.85
CA GLY B 32 -32.09 11.60 -18.66
C GLY B 32 -30.68 11.91 -18.17
N PRO B 33 -30.41 13.18 -17.78
CA PRO B 33 -29.06 13.63 -17.43
C PRO B 33 -28.37 12.78 -16.36
N ILE B 34 -27.10 12.51 -16.59
CA ILE B 34 -26.18 11.93 -15.57
C ILE B 34 -25.03 12.91 -15.35
N ALA B 35 -24.30 12.70 -14.25
CA ALA B 35 -22.99 13.32 -14.02
C ALA B 35 -21.90 12.30 -14.38
N LEU B 36 -20.90 12.76 -15.10
CA LEU B 36 -19.73 11.94 -15.52
C LEU B 36 -18.49 12.72 -15.19
N TYR B 37 -17.34 12.05 -15.18
CA TYR B 37 -16.07 12.74 -14.94
C TYR B 37 -14.91 12.11 -15.70
N CYS B 38 -13.86 12.90 -15.77
CA CYS B 38 -12.55 12.47 -16.29
C CYS B 38 -11.50 13.18 -15.44
N GLY B 39 -10.45 12.47 -15.07
CA GLY B 39 -9.34 13.05 -14.32
C GLY B 39 -8.15 13.44 -15.20
N PHE B 40 -7.40 14.41 -14.72
CA PHE B 40 -6.20 14.98 -15.36
C PHE B 40 -5.15 15.19 -14.29
N ASP B 41 -4.01 14.50 -14.41
CA ASP B 41 -2.91 14.63 -13.42
C ASP B 41 -1.96 15.74 -13.84
N PRO B 42 -1.44 16.49 -12.86
CA PRO B 42 -0.36 17.46 -13.06
C PRO B 42 1.02 16.77 -13.12
N THR B 43 1.30 16.16 -14.26
CA THR B 43 2.63 15.61 -14.64
C THR B 43 3.46 16.67 -15.36
N ALA B 44 2.83 17.74 -15.82
CA ALA B 44 3.49 18.90 -16.45
C ALA B 44 2.63 20.13 -16.19
N ASP B 45 3.07 21.30 -16.64
CA ASP B 45 2.36 22.58 -16.40
C ASP B 45 1.31 22.77 -17.48
N SER B 46 1.08 21.75 -18.29
CA SER B 46 0.10 21.80 -19.40
C SER B 46 -0.41 20.40 -19.70
N LEU B 47 -1.64 20.30 -20.18
CA LEU B 47 -2.11 19.08 -20.88
C LEU B 47 -1.52 19.06 -22.29
N HIS B 48 -1.53 17.90 -22.93
CA HIS B 48 -1.07 17.71 -24.33
C HIS B 48 -2.17 17.01 -25.10
N LEU B 49 -1.92 16.65 -26.37
CA LEU B 49 -2.95 16.03 -27.23
C LEU B 49 -3.45 14.70 -26.66
N GLY B 50 -2.68 14.02 -25.79
CA GLY B 50 -3.11 12.75 -25.16
C GLY B 50 -4.30 12.93 -24.21
N HIS B 51 -4.52 14.15 -23.74
CA HIS B 51 -5.63 14.56 -22.85
C HIS B 51 -6.79 15.12 -23.67
N LEU B 52 -6.55 15.53 -24.91
CA LEU B 52 -7.60 16.23 -25.68
C LEU B 52 -8.82 15.36 -26.00
N VAL B 53 -8.65 14.08 -26.34
CA VAL B 53 -9.86 13.31 -26.75
C VAL B 53 -10.85 13.22 -25.59
N PRO B 54 -10.43 12.77 -24.39
CA PRO B 54 -11.34 12.68 -23.26
C PRO B 54 -11.93 14.05 -22.88
N LEU B 55 -11.13 15.11 -22.92
CA LEU B 55 -11.60 16.49 -22.61
C LEU B 55 -12.74 16.84 -23.57
N LEU B 56 -12.58 16.60 -24.88
CA LEU B 56 -13.66 16.87 -25.87
C LEU B 56 -14.85 15.93 -25.62
N CYS B 57 -14.63 14.68 -25.19
CA CYS B 57 -15.75 13.79 -24.85
C CYS B 57 -16.57 14.35 -23.68
N LEU B 58 -15.95 15.03 -22.71
CA LEU B 58 -16.73 15.66 -21.61
C LEU B 58 -17.67 16.67 -22.29
N LYS B 59 -17.15 17.44 -23.24
CA LYS B 59 -18.00 18.44 -23.94
C LYS B 59 -19.07 17.74 -24.76
N ARG B 60 -18.74 16.62 -25.43
CA ARG B 60 -19.77 15.91 -26.22
C ARG B 60 -20.90 15.48 -25.27
N PHE B 61 -20.56 14.97 -24.08
CA PHE B 61 -21.60 14.52 -23.12
C PHE B 61 -22.41 15.74 -22.67
N GLN B 62 -21.75 16.88 -22.46
CA GLN B 62 -22.45 18.08 -21.95
C GLN B 62 -23.43 18.58 -23.02
N GLN B 63 -23.06 18.45 -24.28
CA GLN B 63 -23.89 18.87 -25.45
C GLN B 63 -25.16 18.01 -25.48
N ALA B 64 -25.08 16.75 -25.02
CA ALA B 64 -26.23 15.82 -24.96
C ALA B 64 -27.02 16.02 -23.66
N GLY B 65 -26.63 16.98 -22.80
CA GLY B 65 -27.46 17.40 -21.64
C GLY B 65 -26.98 16.79 -20.33
N HIS B 66 -25.83 16.11 -20.33
CA HIS B 66 -25.20 15.54 -19.11
C HIS B 66 -24.30 16.57 -18.46
N LYS B 67 -23.86 16.27 -17.24
CA LYS B 67 -23.14 17.21 -16.37
C LYS B 67 -21.69 16.72 -16.26
N PRO B 68 -20.75 17.41 -16.92
CA PRO B 68 -19.35 17.00 -16.87
C PRO B 68 -18.64 17.51 -15.63
N VAL B 69 -17.75 16.66 -15.10
CA VAL B 69 -16.91 16.97 -13.91
C VAL B 69 -15.44 16.75 -14.32
N ALA B 70 -14.64 17.79 -14.28
CA ALA B 70 -13.19 17.71 -14.58
C ALA B 70 -12.47 17.62 -13.24
N VAL B 71 -11.79 16.52 -12.99
CA VAL B 71 -11.03 16.32 -11.74
C VAL B 71 -9.55 16.57 -12.05
N VAL B 72 -8.96 17.51 -11.33
CA VAL B 72 -7.50 17.75 -11.39
C VAL B 72 -6.84 16.99 -10.22
N GLY B 73 -5.77 16.27 -10.51
CA GLY B 73 -5.16 15.33 -9.55
C GLY B 73 -4.18 15.99 -8.59
N GLY B 74 -4.63 16.89 -7.71
CA GLY B 74 -3.83 17.43 -6.61
C GLY B 74 -3.19 16.33 -5.77
N ALA B 75 -3.90 15.25 -5.47
CA ALA B 75 -3.39 14.11 -4.65
C ALA B 75 -2.65 13.11 -5.53
N THR B 76 -3.27 12.65 -6.61
CA THR B 76 -2.74 11.59 -7.48
C THR B 76 -1.45 12.07 -8.16
N GLY B 77 -1.35 13.35 -8.53
CA GLY B 77 -0.14 13.92 -9.12
C GLY B 77 1.05 13.93 -8.19
N LEU B 78 0.84 13.71 -6.89
CA LEU B 78 1.94 13.59 -5.89
C LEU B 78 2.40 12.14 -5.81
N ILE B 79 1.72 11.22 -6.50
CA ILE B 79 1.98 9.77 -6.39
C ILE B 79 2.49 9.23 -7.73
N GLY B 80 1.77 9.45 -8.81
CA GLY B 80 2.20 9.03 -10.16
C GLY B 80 1.52 7.75 -10.62
N ASP B 81 0.84 7.82 -11.77
CA ASP B 81 0.08 6.69 -12.37
C ASP B 81 1.05 5.80 -13.14
N PRO B 82 1.29 4.55 -12.72
CA PRO B 82 2.23 3.69 -13.43
C PRO B 82 1.66 3.07 -14.69
N SER B 83 0.37 3.32 -14.97
CA SER B 83 -0.44 2.53 -15.93
C SER B 83 0.26 2.51 -17.30
N PHE B 84 0.72 1.32 -17.71
CA PHE B 84 1.40 1.04 -19.01
C PHE B 84 2.64 1.93 -19.19
N LYS B 85 3.37 2.24 -18.12
CA LYS B 85 4.67 2.97 -18.23
C LYS B 85 5.77 2.00 -17.81
N ALA B 86 6.94 2.07 -18.47
CA ALA B 86 8.12 1.21 -18.22
C ALA B 86 8.86 1.65 -16.95
N ALA B 87 8.91 2.93 -16.64
CA ALA B 87 9.79 3.46 -15.57
C ALA B 87 9.00 4.33 -14.58
N GLU B 88 9.47 4.39 -13.33
CA GLU B 88 8.90 5.25 -12.26
C GLU B 88 8.83 6.71 -12.77
N ARG B 89 7.76 7.42 -12.46
CA ARG B 89 7.63 8.88 -12.72
C ARG B 89 8.42 9.61 -11.65
N LYS B 90 8.96 10.78 -11.99
CA LYS B 90 9.66 11.68 -11.04
C LYS B 90 8.68 12.04 -9.93
N LEU B 91 9.05 11.90 -8.65
CA LEU B 91 8.27 12.52 -7.55
C LEU B 91 8.51 14.03 -7.62
N ASN B 92 7.45 14.81 -7.86
CA ASN B 92 7.51 16.29 -7.83
C ASN B 92 7.27 16.80 -6.41
N THR B 93 7.78 18.00 -6.12
CA THR B 93 7.58 18.72 -4.85
C THR B 93 6.11 19.12 -4.77
N GLU B 94 5.58 19.22 -3.56
CA GLU B 94 4.21 19.72 -3.32
C GLU B 94 4.02 21.09 -4.00
N GLU B 95 5.01 21.97 -3.90
CA GLU B 95 4.90 23.36 -4.42
C GLU B 95 4.76 23.34 -5.95
N THR B 96 5.55 22.51 -6.63
CA THR B 96 5.54 22.34 -8.10
C THR B 96 4.19 21.75 -8.53
N VAL B 97 3.76 20.65 -7.90
CA VAL B 97 2.47 19.99 -8.25
C VAL B 97 1.34 21.01 -8.10
N GLN B 98 1.35 21.82 -7.04
CA GLN B 98 0.26 22.78 -6.76
C GLN B 98 0.22 23.83 -7.89
N GLU B 99 1.37 24.30 -8.34
CA GLU B 99 1.45 25.29 -9.43
C GLU B 99 0.93 24.67 -10.74
N TRP B 100 1.22 23.39 -10.98
CA TRP B 100 0.75 22.75 -12.23
C TRP B 100 -0.75 22.50 -12.15
N VAL B 101 -1.26 22.11 -10.98
CA VAL B 101 -2.72 21.95 -10.75
C VAL B 101 -3.44 23.23 -11.18
N ASP B 102 -2.98 24.40 -10.77
CA ASP B 102 -3.68 25.68 -11.06
C ASP B 102 -3.64 25.92 -12.57
N LYS B 103 -2.52 25.63 -13.22
CA LYS B 103 -2.35 25.86 -14.68
C LYS B 103 -3.29 24.91 -15.43
N ILE B 104 -3.40 23.66 -14.98
CA ILE B 104 -4.26 22.66 -15.67
C ILE B 104 -5.73 23.00 -15.43
N ARG B 105 -6.09 23.41 -14.21
CA ARG B 105 -7.45 23.86 -13.90
C ARG B 105 -7.84 24.98 -14.89
N LYS B 106 -6.97 25.93 -15.21
CA LYS B 106 -7.36 27.07 -16.10
C LYS B 106 -7.52 26.55 -17.51
N GLN B 107 -6.75 25.51 -17.88
CA GLN B 107 -6.65 25.02 -19.27
C GLN B 107 -7.92 24.26 -19.63
N VAL B 108 -8.50 23.51 -18.68
CA VAL B 108 -9.71 22.72 -18.96
C VAL B 108 -10.92 23.65 -19.13
N ALA B 109 -10.91 24.85 -18.54
CA ALA B 109 -12.12 25.69 -18.36
C ALA B 109 -12.81 25.98 -19.70
N PRO B 110 -12.07 26.47 -20.73
CA PRO B 110 -12.68 26.85 -22.01
C PRO B 110 -13.41 25.72 -22.76
N PHE B 111 -13.13 24.47 -22.42
CA PHE B 111 -13.71 23.29 -23.13
C PHE B 111 -15.08 22.94 -22.57
N LEU B 112 -15.42 23.45 -21.39
CA LEU B 112 -16.71 23.13 -20.74
C LEU B 112 -17.50 24.40 -20.42
N ASP B 113 -18.81 24.25 -20.32
CA ASP B 113 -19.74 25.35 -20.00
C ASP B 113 -20.00 25.35 -18.49
N PHE B 114 -19.49 26.36 -17.76
CA PHE B 114 -19.73 26.53 -16.31
C PHE B 114 -21.00 27.35 -16.03
N ASP B 115 -21.72 27.77 -17.07
CA ASP B 115 -22.92 28.64 -16.87
C ASP B 115 -24.06 28.25 -17.82
N CYS B 116 -24.64 27.07 -17.66
CA CYS B 116 -25.70 26.59 -18.60
C CYS B 116 -26.78 25.86 -17.81
N GLY B 117 -27.09 26.33 -16.60
CA GLY B 117 -28.19 25.76 -15.78
C GLY B 117 -27.76 24.48 -15.09
N GLU B 118 -28.64 23.48 -15.05
CA GLU B 118 -28.53 22.31 -14.14
C GLU B 118 -27.29 21.46 -14.47
N ASN B 119 -26.89 21.40 -15.75
CA ASN B 119 -25.79 20.52 -16.23
C ASN B 119 -24.52 21.36 -16.41
N SER B 120 -24.43 22.51 -15.72
CA SER B 120 -23.20 23.35 -15.66
C SER B 120 -22.05 22.47 -15.20
N ALA B 121 -20.89 22.62 -15.83
CA ALA B 121 -19.64 21.87 -15.50
C ALA B 121 -19.26 22.10 -14.03
N ILE B 122 -18.65 21.10 -13.40
CA ILE B 122 -17.99 21.17 -12.06
C ILE B 122 -16.52 20.88 -12.26
N ALA B 123 -15.65 21.56 -11.52
CA ALA B 123 -14.21 21.23 -11.42
C ALA B 123 -13.98 20.77 -9.97
N ALA B 124 -13.26 19.69 -9.81
CA ALA B 124 -12.90 19.16 -8.47
C ALA B 124 -11.40 18.86 -8.45
N ASN B 125 -10.83 18.82 -7.24
CA ASN B 125 -9.41 18.49 -6.96
C ASN B 125 -9.41 17.29 -6.01
N ASN B 126 -8.83 16.17 -6.41
CA ASN B 126 -8.93 14.93 -5.59
C ASN B 126 -8.07 15.07 -4.35
N TYR B 127 -7.28 16.14 -4.21
CA TYR B 127 -6.60 16.46 -2.94
C TYR B 127 -7.64 16.45 -1.81
N ASP B 128 -8.86 16.89 -2.12
CA ASP B 128 -9.99 17.05 -1.18
C ASP B 128 -10.33 15.67 -0.58
N PHE B 129 -10.05 14.57 -1.27
CA PHE B 129 -10.40 13.22 -0.81
C PHE B 129 -9.35 12.68 0.17
N PHE B 130 -8.13 13.19 0.15
CA PHE B 130 -6.97 12.56 0.83
C PHE B 130 -6.27 13.50 1.82
N GLY B 131 -6.45 14.81 1.70
CA GLY B 131 -5.71 15.80 2.53
C GLY B 131 -5.93 15.62 4.03
N ASN B 132 -7.08 15.11 4.42
CA ASN B 132 -7.37 14.89 5.86
C ASN B 132 -7.28 13.41 6.21
N MET B 133 -6.81 12.57 5.30
CA MET B 133 -6.86 11.13 5.56
C MET B 133 -5.56 10.59 6.15
N ASN B 134 -5.69 10.03 7.34
CA ASN B 134 -4.57 9.38 8.05
C ASN B 134 -4.21 8.10 7.29
N VAL B 135 -2.94 7.75 7.31
CA VAL B 135 -2.38 6.57 6.60
C VAL B 135 -3.14 5.32 7.07
N LEU B 136 -3.39 5.20 8.38
CA LEU B 136 -4.03 4.00 8.95
C LEU B 136 -5.50 3.93 8.48
N THR B 137 -6.19 5.08 8.37
CA THR B 137 -7.58 5.11 7.82
C THR B 137 -7.56 4.55 6.40
N PHE B 138 -6.64 5.00 5.56
CA PHE B 138 -6.54 4.58 4.13
C PHE B 138 -6.29 3.07 4.04
N LEU B 139 -5.22 2.60 4.66
CA LEU B 139 -4.81 1.18 4.63
C LEU B 139 -5.95 0.25 5.06
N ARG B 140 -6.74 0.63 6.08
CA ARG B 140 -7.87 -0.19 6.64
C ARG B 140 -9.14 -0.02 5.82
N ASP B 141 -9.68 1.20 5.76
CA ASP B 141 -11.04 1.50 5.22
C ASP B 141 -11.07 1.30 3.71
N ILE B 142 -9.96 1.53 3.02
CA ILE B 142 -9.92 1.36 1.53
C ILE B 142 -9.11 0.10 1.21
N GLY B 143 -7.92 -0.01 1.80
CA GLY B 143 -6.99 -1.11 1.51
C GLY B 143 -7.60 -2.49 1.76
N LYS B 144 -8.48 -2.64 2.74
CA LYS B 144 -9.04 -3.97 3.09
C LYS B 144 -9.82 -4.53 1.91
N HIS B 145 -10.23 -3.69 0.96
CA HIS B 145 -11.11 -4.10 -0.15
C HIS B 145 -10.31 -4.52 -1.37
N PHE B 146 -8.98 -4.36 -1.33
CA PHE B 146 -8.08 -4.62 -2.48
C PHE B 146 -7.28 -5.88 -2.20
N SER B 147 -7.45 -6.84 -3.10
CA SER B 147 -6.70 -8.10 -3.18
C SER B 147 -5.37 -7.82 -3.87
N VAL B 148 -4.25 -8.03 -3.20
CA VAL B 148 -2.92 -7.85 -3.85
C VAL B 148 -2.81 -8.83 -5.04
N ASN B 149 -3.32 -10.05 -4.91
CA ASN B 149 -3.37 -11.10 -5.95
C ASN B 149 -4.00 -10.53 -7.24
N GLN B 150 -5.10 -9.80 -7.11
CA GLN B 150 -5.78 -9.14 -8.27
C GLN B 150 -4.98 -7.94 -8.76
N MET B 151 -4.45 -7.11 -7.86
CA MET B 151 -3.65 -5.92 -8.26
C MET B 151 -2.44 -6.35 -9.12
N ILE B 152 -1.77 -7.45 -8.80
CA ILE B 152 -0.50 -7.79 -9.52
C ILE B 152 -0.84 -8.34 -10.90
N ASN B 153 -2.12 -8.59 -11.18
CA ASN B 153 -2.62 -9.12 -12.47
C ASN B 153 -3.26 -8.04 -13.33
N LYS B 154 -3.32 -6.78 -12.89
CA LYS B 154 -3.87 -5.66 -13.71
C LYS B 154 -2.91 -5.47 -14.88
N GLU B 155 -3.41 -5.52 -16.09
CA GLU B 155 -2.53 -5.36 -17.28
C GLU B 155 -1.67 -4.10 -17.13
N ALA B 156 -2.18 -3.03 -16.52
CA ALA B 156 -1.53 -1.70 -16.44
C ALA B 156 -0.18 -1.77 -15.72
N VAL B 157 0.02 -2.73 -14.81
CA VAL B 157 1.28 -2.81 -14.01
C VAL B 157 2.02 -4.13 -14.24
N LYS B 158 1.46 -5.07 -15.00
CA LYS B 158 2.08 -6.41 -15.18
C LYS B 158 3.53 -6.28 -15.67
N GLN B 159 3.82 -5.34 -16.58
CA GLN B 159 5.17 -5.20 -17.16
C GLN B 159 6.17 -4.77 -16.10
N ARG B 160 5.69 -4.12 -15.03
CA ARG B 160 6.57 -3.60 -13.97
C ARG B 160 6.96 -4.74 -13.01
N LEU B 161 6.29 -5.90 -13.08
CA LEU B 161 6.44 -6.97 -12.07
C LEU B 161 7.21 -8.19 -12.62
N ASN B 162 7.97 -8.04 -13.70
CA ASN B 162 8.95 -9.06 -14.21
C ASN B 162 10.28 -8.98 -13.43
N ARG B 163 11.00 -7.85 -13.55
CA ARG B 163 12.38 -7.66 -13.03
C ARG B 163 12.44 -6.50 -12.03
N GLU B 164 13.21 -6.65 -10.94
CA GLU B 164 13.36 -5.67 -9.83
C GLU B 164 13.95 -4.34 -10.32
N ASP B 165 14.85 -4.37 -11.31
CA ASP B 165 15.54 -3.16 -11.85
C ASP B 165 14.60 -2.43 -12.83
N GLN B 166 13.52 -3.10 -13.28
CA GLN B 166 12.42 -2.54 -14.14
C GLN B 166 11.09 -2.59 -13.36
N GLY B 167 11.15 -2.30 -12.06
CA GLY B 167 10.10 -2.65 -11.08
C GLY B 167 9.21 -1.46 -10.77
N ILE B 168 8.46 -1.57 -9.69
CA ILE B 168 7.52 -0.49 -9.28
C ILE B 168 7.61 -0.32 -7.77
N SER B 169 7.61 0.93 -7.34
CA SER B 169 7.52 1.37 -5.92
C SER B 169 6.17 0.99 -5.31
N PHE B 170 6.15 0.80 -4.00
CA PHE B 170 4.88 0.78 -3.25
C PHE B 170 4.07 2.04 -3.59
N THR B 171 4.73 3.18 -3.72
CA THR B 171 4.10 4.48 -4.09
C THR B 171 3.20 4.30 -5.31
N GLU B 172 3.74 3.93 -6.46
CA GLU B 172 2.98 3.87 -7.73
C GLU B 172 2.03 2.67 -7.70
N PHE B 173 2.39 1.59 -7.01
CA PHE B 173 1.50 0.42 -6.82
C PHE B 173 0.21 0.84 -6.12
N SER B 174 0.25 1.87 -5.27
CA SER B 174 -0.92 2.32 -4.48
C SER B 174 -1.85 3.16 -5.35
N TYR B 175 -1.38 3.69 -6.47
CA TYR B 175 -2.14 4.69 -7.27
C TYR B 175 -3.53 4.16 -7.59
N ASN B 176 -3.62 2.91 -8.02
CA ASN B 176 -4.90 2.27 -8.36
C ASN B 176 -5.94 2.45 -7.23
N LEU B 177 -5.54 2.32 -5.97
CA LEU B 177 -6.44 2.55 -4.81
C LEU B 177 -6.90 4.00 -4.75
N LEU B 178 -6.02 4.97 -5.01
CA LEU B 178 -6.39 6.40 -4.94
C LEU B 178 -7.45 6.69 -5.99
N GLN B 179 -7.24 6.31 -7.25
CA GLN B 179 -8.23 6.66 -8.31
C GLN B 179 -9.52 5.85 -8.06
N GLY B 180 -9.40 4.63 -7.53
CA GLY B 180 -10.54 3.81 -7.10
C GLY B 180 -11.40 4.54 -6.07
N TYR B 181 -10.77 5.08 -5.03
CA TYR B 181 -11.46 5.85 -3.97
C TYR B 181 -12.01 7.16 -4.55
N GLY B 182 -11.31 7.78 -5.50
CA GLY B 182 -11.79 9.03 -6.15
C GLY B 182 -13.17 8.82 -6.77
N PHE B 183 -13.38 7.72 -7.50
CA PHE B 183 -14.69 7.38 -8.08
C PHE B 183 -15.73 7.24 -6.97
N ALA B 184 -15.43 6.49 -5.90
CA ALA B 184 -16.37 6.28 -4.77
C ALA B 184 -16.76 7.62 -4.14
N CYS B 185 -15.81 8.54 -3.97
CA CYS B 185 -16.03 9.91 -3.42
C CYS B 185 -16.89 10.75 -4.35
N LEU B 186 -16.59 10.74 -5.66
CA LEU B 186 -17.35 11.55 -6.64
C LEU B 186 -18.79 11.00 -6.78
N ASN B 187 -18.95 9.68 -6.67
CA ASN B 187 -20.30 9.06 -6.63
C ASN B 187 -21.06 9.50 -5.36
N LYS B 188 -20.45 9.34 -4.20
CA LYS B 188 -21.10 9.61 -2.90
C LYS B 188 -21.40 11.11 -2.75
N GLN B 189 -20.43 11.97 -3.03
CA GLN B 189 -20.52 13.42 -2.75
C GLN B 189 -21.18 14.17 -3.93
N TYR B 190 -20.97 13.77 -5.18
CA TYR B 190 -21.42 14.58 -6.35
C TYR B 190 -22.45 13.82 -7.21
N GLY B 191 -22.76 12.56 -6.89
CA GLY B 191 -23.73 11.76 -7.63
C GLY B 191 -23.22 11.35 -9.02
N VAL B 192 -21.91 11.28 -9.19
CA VAL B 192 -21.27 10.88 -10.49
C VAL B 192 -21.46 9.38 -10.71
N VAL B 193 -21.91 8.97 -11.91
CA VAL B 193 -22.21 7.55 -12.19
C VAL B 193 -21.34 7.01 -13.31
N LEU B 194 -20.58 7.85 -14.01
CA LEU B 194 -19.73 7.40 -15.15
C LEU B 194 -18.35 8.07 -15.08
N GLN B 195 -17.30 7.28 -15.27
CA GLN B 195 -15.93 7.82 -15.47
C GLN B 195 -15.52 7.46 -16.90
N ILE B 196 -14.99 8.43 -17.61
CA ILE B 196 -14.34 8.21 -18.91
C ILE B 196 -12.84 8.46 -18.78
N GLY B 197 -12.06 7.92 -19.74
CA GLY B 197 -10.63 8.13 -19.81
C GLY B 197 -10.08 7.39 -21.02
N GLY B 198 -8.80 7.54 -21.27
CA GLY B 198 -8.16 6.76 -22.34
C GLY B 198 -8.16 5.30 -21.97
N SER B 199 -7.90 4.41 -22.94
CA SER B 199 -8.02 2.96 -22.69
C SER B 199 -7.02 2.52 -21.64
N ASP B 200 -5.87 3.21 -21.48
CA ASP B 200 -4.85 2.91 -20.46
C ASP B 200 -5.45 2.96 -19.05
N GLN B 201 -6.57 3.65 -18.87
CA GLN B 201 -7.22 3.88 -17.55
C GLN B 201 -8.25 2.77 -17.21
N TRP B 202 -8.48 1.81 -18.11
CA TRP B 202 -9.50 0.75 -17.90
C TRP B 202 -9.43 0.20 -16.46
N GLY B 203 -8.23 -0.20 -16.02
CA GLY B 203 -8.04 -0.91 -14.75
C GLY B 203 -8.24 0.01 -13.55
N ASN B 204 -7.88 1.28 -13.69
CA ASN B 204 -8.10 2.28 -12.62
C ASN B 204 -9.60 2.59 -12.54
N ILE B 205 -10.32 2.56 -13.67
CA ILE B 205 -11.79 2.85 -13.69
C ILE B 205 -12.54 1.67 -13.06
N THR B 206 -12.20 0.44 -13.44
CA THR B 206 -12.94 -0.75 -12.90
C THR B 206 -12.66 -0.90 -11.39
N SER B 207 -11.47 -0.51 -10.91
CA SER B 207 -11.20 -0.52 -9.45
C SER B 207 -12.19 0.45 -8.78
N GLY B 208 -12.49 1.57 -9.40
CA GLY B 208 -13.42 2.56 -8.85
C GLY B 208 -14.84 2.03 -8.85
N ILE B 209 -15.22 1.34 -9.91
CA ILE B 209 -16.56 0.72 -10.01
C ILE B 209 -16.70 -0.30 -8.88
N ASP B 210 -15.71 -1.16 -8.72
CA ASP B 210 -15.77 -2.26 -7.72
C ASP B 210 -15.76 -1.63 -6.33
N LEU B 211 -14.91 -0.64 -6.09
CA LEU B 211 -14.82 -0.02 -4.74
C LEU B 211 -16.11 0.74 -4.41
N THR B 212 -16.73 1.44 -5.36
CA THR B 212 -18.00 2.17 -5.14
C THR B 212 -19.07 1.16 -4.73
N ARG B 213 -19.10 0.01 -5.39
CA ARG B 213 -20.07 -1.07 -5.06
C ARG B 213 -19.82 -1.55 -3.62
N ARG B 214 -18.54 -1.72 -3.26
CA ARG B 214 -18.14 -2.28 -1.94
C ARG B 214 -18.48 -1.27 -0.84
N LEU B 215 -18.16 0.02 -1.05
CA LEU B 215 -18.26 1.07 0.00
C LEU B 215 -19.72 1.56 0.12
N HIS B 216 -20.44 1.71 -0.99
CA HIS B 216 -21.70 2.47 -1.04
C HIS B 216 -22.84 1.64 -1.63
N GLN B 217 -22.53 0.49 -2.22
CA GLN B 217 -23.52 -0.34 -2.94
C GLN B 217 -24.26 0.50 -3.97
N ASN B 218 -23.58 1.45 -4.62
CA ASN B 218 -24.11 2.20 -5.77
C ASN B 218 -23.51 1.61 -7.03
N GLN B 219 -24.33 1.55 -8.08
CA GLN B 219 -23.96 1.03 -9.41
C GLN B 219 -23.43 2.18 -10.28
N VAL B 220 -22.17 2.11 -10.70
CA VAL B 220 -21.56 3.13 -11.58
C VAL B 220 -20.89 2.41 -12.76
N PHE B 221 -20.44 3.18 -13.75
CA PHE B 221 -20.05 2.68 -15.08
C PHE B 221 -18.74 3.29 -15.51
N GLY B 222 -18.09 2.63 -16.48
CA GLY B 222 -16.83 3.07 -17.08
C GLY B 222 -16.94 3.08 -18.60
N LEU B 223 -16.36 4.07 -19.25
CA LEU B 223 -16.23 4.07 -20.73
C LEU B 223 -14.87 4.67 -21.09
N THR B 224 -14.09 3.96 -21.90
CA THR B 224 -12.74 4.38 -22.33
C THR B 224 -12.82 4.78 -23.81
N VAL B 225 -12.00 5.77 -24.15
CA VAL B 225 -11.82 6.30 -25.52
C VAL B 225 -10.48 5.75 -26.00
N PRO B 226 -10.31 5.55 -27.32
CA PRO B 226 -9.05 4.99 -27.82
C PRO B 226 -7.85 5.89 -27.51
N LEU B 227 -6.72 5.27 -27.27
CA LEU B 227 -5.39 5.93 -27.40
C LEU B 227 -5.21 6.20 -28.89
N ILE B 228 -4.73 7.38 -29.25
CA ILE B 228 -4.67 7.79 -30.69
C ILE B 228 -3.47 7.11 -31.34
N THR B 229 -3.73 6.44 -32.45
CA THR B 229 -2.70 5.69 -33.20
C THR B 229 -2.77 6.11 -34.68
N LYS B 230 -1.62 5.99 -35.33
CA LYS B 230 -1.45 6.35 -36.76
C LYS B 230 -1.37 5.06 -37.59
N ALA B 231 -1.91 5.07 -38.80
CA ALA B 231 -1.83 3.94 -39.76
C ALA B 231 -0.39 3.38 -39.79
N ASP B 232 0.64 4.23 -39.75
CA ASP B 232 2.04 3.80 -39.97
C ASP B 232 2.69 3.33 -38.66
N GLY B 233 1.97 3.43 -37.53
CA GLY B 233 2.39 2.88 -36.23
C GLY B 233 3.38 3.76 -35.51
N THR B 234 3.74 4.92 -36.07
CA THR B 234 4.60 5.90 -35.37
C THR B 234 3.83 6.56 -34.21
N LYS B 235 4.55 7.17 -33.26
CA LYS B 235 3.93 7.84 -32.07
C LYS B 235 3.13 9.06 -32.56
N PHE B 236 1.89 9.16 -32.12
CA PHE B 236 0.98 10.30 -32.38
C PHE B 236 1.31 11.44 -31.41
N GLY B 237 1.31 12.67 -31.88
CA GLY B 237 1.30 13.87 -31.01
C GLY B 237 2.70 14.28 -30.57
N LYS B 238 3.71 14.03 -31.41
CA LYS B 238 5.10 14.56 -31.24
C LYS B 238 5.37 15.56 -32.36
N THR B 239 6.03 16.68 -32.05
CA THR B 239 6.42 17.74 -33.02
C THR B 239 7.90 18.03 -32.81
N GLU B 240 8.72 17.79 -33.84
CA GLU B 240 10.18 18.06 -33.80
C GLU B 240 10.75 17.46 -32.51
N GLY B 241 10.36 16.23 -32.16
CA GLY B 241 10.95 15.45 -31.06
C GLY B 241 10.41 15.78 -29.67
N GLY B 242 9.28 16.50 -29.56
CA GLY B 242 8.61 16.80 -28.27
C GLY B 242 7.09 16.74 -28.36
N ALA B 243 6.39 16.76 -27.22
CA ALA B 243 4.92 16.72 -27.11
C ALA B 243 4.29 17.96 -27.79
N VAL B 244 3.09 17.79 -28.35
CA VAL B 244 2.19 18.90 -28.78
C VAL B 244 1.34 19.30 -27.56
N TRP B 245 1.74 20.40 -26.93
CA TRP B 245 1.07 20.97 -25.72
C TRP B 245 -0.17 21.76 -26.09
N LEU B 246 -1.14 21.85 -25.18
CA LEU B 246 -2.34 22.66 -25.42
C LEU B 246 -2.02 24.13 -25.07
N ASP B 247 -0.93 24.38 -24.33
CA ASP B 247 -0.53 25.73 -23.87
C ASP B 247 0.21 26.42 -25.01
N PRO B 248 -0.26 27.58 -25.52
CA PRO B 248 0.43 28.27 -26.61
C PRO B 248 1.84 28.80 -26.24
N LYS B 249 2.17 28.92 -24.95
CA LYS B 249 3.55 29.30 -24.50
C LYS B 249 4.48 28.09 -24.63
N LYS B 250 3.93 26.89 -24.85
CA LYS B 250 4.76 25.65 -24.94
C LYS B 250 4.80 25.18 -26.39
N THR B 251 3.65 25.09 -27.04
CA THR B 251 3.51 24.78 -28.48
C THR B 251 2.76 25.95 -29.10
N SER B 252 3.46 26.76 -29.88
CA SER B 252 2.89 27.94 -30.57
C SER B 252 1.66 27.51 -31.35
N PRO B 253 0.66 28.40 -31.49
CA PRO B 253 -0.48 28.16 -32.36
C PRO B 253 -0.05 27.80 -33.79
N TYR B 254 1.04 28.40 -34.27
CA TYR B 254 1.60 28.09 -35.62
C TYR B 254 2.03 26.61 -35.67
N LYS B 255 2.91 26.18 -34.76
CA LYS B 255 3.40 24.78 -34.66
C LYS B 255 2.22 23.82 -34.48
N PHE B 256 1.16 24.23 -33.77
CA PHE B 256 -0.04 23.38 -33.48
C PHE B 256 -0.79 23.15 -34.78
N TYR B 257 -0.99 24.25 -35.52
CA TYR B 257 -1.72 24.22 -36.81
C TYR B 257 -0.91 23.37 -37.80
N GLN B 258 0.41 23.56 -37.84
CA GLN B 258 1.27 22.85 -38.82
C GLN B 258 1.25 21.35 -38.48
N PHE B 259 1.16 21.00 -37.19
CA PHE B 259 1.06 19.58 -36.76
C PHE B 259 -0.15 18.95 -37.45
N TRP B 260 -1.32 19.62 -37.47
CA TRP B 260 -2.57 19.09 -38.05
C TRP B 260 -2.48 19.02 -39.59
N ILE B 261 -1.94 20.06 -40.22
CA ILE B 261 -1.76 20.11 -41.70
C ILE B 261 -0.96 18.89 -42.15
N ASN B 262 0.03 18.47 -41.37
CA ASN B 262 0.95 17.37 -41.73
C ASN B 262 0.36 16.00 -41.41
N THR B 263 -0.95 15.88 -41.16
CA THR B 263 -1.63 14.58 -40.90
C THR B 263 -1.64 13.74 -42.19
N ALA B 264 -1.32 12.44 -42.09
CA ALA B 264 -1.36 11.47 -43.22
C ALA B 264 -2.81 11.33 -43.71
N ASP B 265 -2.96 11.14 -45.03
CA ASP B 265 -4.27 10.83 -45.66
C ASP B 265 -4.93 9.66 -44.94
N ALA B 266 -4.17 8.65 -44.51
CA ALA B 266 -4.75 7.44 -43.88
C ALA B 266 -5.41 7.80 -42.54
N ASP B 267 -4.95 8.87 -41.88
CA ASP B 267 -5.29 9.22 -40.48
C ASP B 267 -6.32 10.37 -40.44
N VAL B 268 -6.40 11.17 -41.50
CA VAL B 268 -7.05 12.50 -41.43
C VAL B 268 -8.56 12.36 -41.17
N TYR B 269 -9.28 11.45 -41.83
CA TYR B 269 -10.75 11.29 -41.66
C TYR B 269 -11.07 10.72 -40.27
N ARG B 270 -10.23 9.84 -39.73
CA ARG B 270 -10.40 9.36 -38.33
C ARG B 270 -10.19 10.54 -37.38
N PHE B 271 -9.15 11.34 -37.59
CA PHE B 271 -8.78 12.48 -36.71
C PHE B 271 -9.90 13.54 -36.73
N LEU B 272 -10.54 13.79 -37.87
CA LEU B 272 -11.73 14.71 -37.93
C LEU B 272 -12.83 14.22 -36.98
N LYS B 273 -13.01 12.90 -36.86
CA LYS B 273 -14.07 12.32 -36.00
C LYS B 273 -13.66 12.46 -34.52
N PHE B 274 -12.37 12.28 -34.22
CA PHE B 274 -11.83 12.29 -32.83
C PHE B 274 -11.80 13.73 -32.27
N PHE B 275 -11.37 14.71 -33.08
CA PHE B 275 -10.88 16.01 -32.54
C PHE B 275 -11.77 17.18 -32.93
N THR B 276 -12.83 16.96 -33.70
CA THR B 276 -13.74 18.05 -34.14
C THR B 276 -15.18 17.70 -33.79
N PHE B 277 -16.07 18.70 -33.89
CA PHE B 277 -17.54 18.65 -33.69
C PHE B 277 -18.26 18.71 -35.05
N MET B 278 -17.53 18.56 -36.17
CA MET B 278 -18.17 18.35 -37.49
C MET B 278 -19.01 17.07 -37.44
N SER B 279 -20.20 17.06 -38.04
CA SER B 279 -21.11 15.90 -38.10
C SER B 279 -20.45 14.78 -38.91
N ILE B 280 -20.84 13.54 -38.69
CA ILE B 280 -20.35 12.36 -39.46
C ILE B 280 -20.64 12.61 -40.94
N GLU B 281 -21.77 13.22 -41.27
CA GLU B 281 -22.22 13.43 -42.68
C GLU B 281 -21.28 14.42 -43.37
N GLU B 282 -20.91 15.51 -42.69
CA GLU B 282 -19.94 16.51 -43.22
C GLU B 282 -18.59 15.84 -43.44
N ILE B 283 -18.14 14.99 -42.51
CA ILE B 283 -16.80 14.34 -42.62
C ILE B 283 -16.84 13.33 -43.78
N ASN B 284 -17.91 12.54 -43.88
CA ASN B 284 -18.08 11.53 -44.95
C ASN B 284 -18.12 12.22 -46.31
N ALA B 285 -18.77 13.39 -46.42
CA ALA B 285 -18.89 14.16 -47.69
C ALA B 285 -17.52 14.72 -48.06
N LEU B 286 -16.72 15.16 -47.08
CA LEU B 286 -15.34 15.65 -47.27
C LEU B 286 -14.46 14.50 -47.78
N GLU B 287 -14.61 13.30 -47.21
CA GLU B 287 -13.83 12.12 -47.65
C GLU B 287 -14.11 11.88 -49.14
N GLU B 288 -15.39 11.75 -49.52
CA GLU B 288 -15.83 11.53 -50.92
C GLU B 288 -15.28 12.64 -51.83
N GLU B 289 -15.44 13.90 -51.45
CA GLU B 289 -14.97 15.03 -52.30
C GLU B 289 -13.46 14.87 -52.50
N ASP B 290 -12.72 14.49 -51.47
CA ASP B 290 -11.24 14.31 -51.59
C ASP B 290 -10.92 13.09 -52.48
N LYS B 291 -11.74 12.03 -52.43
CA LYS B 291 -11.51 10.76 -53.18
C LYS B 291 -11.77 10.98 -54.67
N ASN B 292 -12.79 11.77 -54.99
CA ASN B 292 -13.34 11.95 -56.36
C ASN B 292 -13.19 13.40 -56.81
N SER B 293 -12.02 14.03 -56.59
CA SER B 293 -11.77 15.45 -56.94
C SER B 293 -10.60 15.54 -57.94
N GLY B 294 -9.53 14.77 -57.71
CA GLY B 294 -8.30 14.81 -58.52
C GLY B 294 -7.28 15.79 -57.97
N LYS B 295 -7.71 16.73 -57.11
CA LYS B 295 -6.82 17.72 -56.44
C LYS B 295 -6.22 17.09 -55.18
N ALA B 296 -5.23 17.75 -54.56
CA ALA B 296 -4.67 17.35 -53.25
C ALA B 296 -5.79 17.43 -52.21
N PRO B 297 -5.81 16.53 -51.20
CA PRO B 297 -6.92 16.51 -50.23
C PRO B 297 -6.97 17.81 -49.42
N ARG B 298 -8.16 18.32 -49.11
CA ARG B 298 -8.29 19.53 -48.24
C ARG B 298 -8.61 19.14 -46.79
N ALA B 299 -8.78 17.85 -46.51
CA ALA B 299 -9.18 17.36 -45.16
C ALA B 299 -8.20 17.91 -44.14
N GLN B 300 -6.92 17.90 -44.45
CA GLN B 300 -5.85 18.31 -43.52
C GLN B 300 -6.06 19.79 -43.14
N TYR B 301 -6.51 20.61 -44.10
CA TYR B 301 -6.68 22.07 -43.90
C TYR B 301 -7.83 22.29 -42.91
N VAL B 302 -8.94 21.58 -43.14
CA VAL B 302 -10.16 21.61 -42.31
C VAL B 302 -9.78 21.18 -40.89
N LEU B 303 -9.11 20.03 -40.76
CA LEU B 303 -8.71 19.52 -39.42
C LEU B 303 -7.88 20.60 -38.70
N ALA B 304 -6.85 21.14 -39.36
CA ALA B 304 -5.97 22.18 -38.77
C ALA B 304 -6.81 23.40 -38.36
N GLU B 305 -7.72 23.87 -39.20
CA GLU B 305 -8.63 25.02 -38.88
C GLU B 305 -9.51 24.67 -37.67
N GLN B 306 -10.26 23.58 -37.74
CA GLN B 306 -11.23 23.18 -36.69
C GLN B 306 -10.50 23.05 -35.34
N VAL B 307 -9.41 22.29 -35.27
CA VAL B 307 -8.82 21.95 -33.94
C VAL B 307 -8.08 23.18 -33.41
N THR B 308 -7.44 23.95 -34.28
CA THR B 308 -6.69 25.16 -33.87
C THR B 308 -7.71 26.15 -33.27
N ARG B 309 -8.90 26.28 -33.85
CA ARG B 309 -9.93 27.22 -33.34
C ARG B 309 -10.46 26.74 -31.98
N LEU B 310 -10.64 25.42 -31.83
CA LEU B 310 -11.14 24.76 -30.59
C LEU B 310 -10.19 25.05 -29.43
N VAL B 311 -8.89 24.90 -29.63
CA VAL B 311 -7.88 24.92 -28.54
C VAL B 311 -7.36 26.35 -28.30
N HIS B 312 -7.35 27.19 -29.34
CA HIS B 312 -6.65 28.50 -29.31
C HIS B 312 -7.56 29.62 -29.82
N GLY B 313 -8.82 29.33 -30.16
CA GLY B 313 -9.82 30.32 -30.61
C GLY B 313 -9.38 31.04 -31.88
N GLU B 314 -10.20 31.99 -32.36
CA GLU B 314 -9.97 32.72 -33.64
C GLU B 314 -8.63 33.44 -33.60
N GLU B 315 -8.25 33.97 -32.44
CA GLU B 315 -7.00 34.75 -32.25
C GLU B 315 -5.80 33.83 -32.54
N GLY B 316 -5.84 32.59 -32.03
CA GLY B 316 -4.78 31.60 -32.23
C GLY B 316 -4.70 31.15 -33.69
N LEU B 317 -5.86 30.96 -34.32
CA LEU B 317 -5.99 30.51 -35.72
C LEU B 317 -5.43 31.60 -36.65
N GLN B 318 -5.72 32.88 -36.39
CA GLN B 318 -5.18 34.00 -37.21
C GLN B 318 -3.68 34.11 -36.97
N ALA B 319 -3.22 33.90 -35.73
CA ALA B 319 -1.77 33.90 -35.41
C ALA B 319 -1.06 32.78 -36.18
N ALA B 320 -1.69 31.61 -36.33
CA ALA B 320 -1.10 30.46 -37.03
C ALA B 320 -1.07 30.76 -38.53
N LYS B 321 -2.07 31.46 -39.03
CA LYS B 321 -2.21 31.71 -40.49
C LYS B 321 -1.58 33.02 -40.92
N ARG B 322 -1.11 33.83 -39.99
CA ARG B 322 -0.56 35.16 -40.33
C ARG B 322 0.57 34.99 -41.35
#